data_5ZHK
#
_entry.id   5ZHK
#
_cell.length_a   73.090
_cell.length_b   50.800
_cell.length_c   58.081
_cell.angle_alpha   90.00
_cell.angle_beta   90.56
_cell.angle_gamma   90.00
#
_symmetry.space_group_name_H-M   'C 1 2 1'
#
loop_
_entity.id
_entity.type
_entity.pdbx_description
1 polymer 'tRNA (guanine-N(1)-)-methyltransferase'
2 non-polymer N-[(4-{[cyclohexyl(ethyl)amino]methyl}phenyl)methyl]-4-oxo-3,4-dihydrothieno[2,3-d]pyrimidine-5-carboxamide
3 water water
#
_entity_poly.entity_id   1
_entity_poly.type   'polypeptide(L)'
_entity_poly.pdbx_seq_one_letter_code
;MRIDIVTIFPACLDPLRQSLPGKAIESGLVDLNVHDLRRWTHDVHHSVDDAPYGGGPGMVMKAPVWGEALDEICSSETLL
IVPTPAGVLFTQATAQRWTTESHLVFACGRYEGIDQRVVQDAARRMRVEEVSIGDYVLPGGESAAVVMVEAVLRLLAGVL
GNPASHQDDSHSTGLDGLLEGPSYTRPASWRGLDVPEVLLSGDHARIAAWRREVSLQRTRERRPDLSHPDGSHHHHHH
;
_entity_poly.pdbx_strand_id   A
#
# COMPACT_ATOMS: atom_id res chain seq x y z
N MET A 1 6.76 -12.68 -8.34
CA MET A 1 5.82 -12.44 -7.26
C MET A 1 4.37 -12.61 -7.72
N ARG A 2 3.53 -13.15 -6.83
CA ARG A 2 2.11 -13.31 -7.06
C ARG A 2 1.37 -12.40 -6.07
N ILE A 3 0.50 -11.54 -6.60
CA ILE A 3 -0.30 -10.65 -5.75
C ILE A 3 -1.79 -10.91 -5.98
N ASP A 4 -2.49 -11.16 -4.88
CA ASP A 4 -3.95 -11.31 -4.93
C ASP A 4 -4.59 -10.22 -4.07
N ILE A 5 -5.55 -9.49 -4.67
CA ILE A 5 -6.28 -8.44 -3.96
C ILE A 5 -7.74 -8.83 -3.94
N VAL A 6 -8.34 -8.93 -2.73
CA VAL A 6 -9.74 -9.31 -2.52
C VAL A 6 -10.47 -8.05 -2.09
N THR A 7 -11.56 -7.71 -2.82
CA THR A 7 -12.31 -6.46 -2.62
C THR A 7 -13.74 -6.56 -3.16
N ILE A 8 -14.61 -5.60 -2.78
CA ILE A 8 -15.96 -5.45 -3.33
C ILE A 8 -15.96 -4.34 -4.41
N PHE A 9 -14.80 -3.63 -4.58
CA PHE A 9 -14.57 -2.60 -5.59
C PHE A 9 -13.35 -2.96 -6.49
N PRO A 10 -13.46 -4.03 -7.32
CA PRO A 10 -12.32 -4.42 -8.17
C PRO A 10 -11.80 -3.30 -9.07
N ALA A 11 -12.70 -2.45 -9.61
CA ALA A 11 -12.33 -1.30 -10.47
C ALA A 11 -11.35 -0.34 -9.80
N CYS A 12 -11.40 -0.24 -8.46
CA CYS A 12 -10.54 0.65 -7.69
C CYS A 12 -9.04 0.26 -7.75
N LEU A 13 -8.72 -0.97 -8.19
CA LEU A 13 -7.35 -1.47 -8.34
C LEU A 13 -6.81 -1.28 -9.78
N ASP A 14 -7.62 -0.72 -10.70
CA ASP A 14 -7.22 -0.49 -12.10
C ASP A 14 -5.94 0.37 -12.27
N PRO A 15 -5.60 1.39 -11.43
CA PRO A 15 -4.29 2.09 -11.59
C PRO A 15 -3.05 1.18 -11.64
N LEU A 16 -3.14 -0.04 -11.05
CA LEU A 16 -2.06 -1.04 -11.04
C LEU A 16 -1.75 -1.63 -12.44
N ARG A 17 -2.70 -1.53 -13.40
CA ARG A 17 -2.53 -1.98 -14.79
C ARG A 17 -1.76 -0.91 -15.60
N GLN A 18 -1.67 0.31 -15.05
CA GLN A 18 -1.01 1.45 -15.67
C GLN A 18 0.39 1.69 -15.15
N SER A 19 1.17 2.47 -15.93
CA SER A 19 2.50 2.98 -15.63
C SER A 19 3.48 1.89 -15.23
N LEU A 20 4.28 2.13 -14.16
CA LEU A 20 5.28 1.22 -13.60
C LEU A 20 4.67 -0.10 -13.11
N PRO A 21 3.58 -0.14 -12.30
CA PRO A 21 3.03 -1.45 -11.87
C PRO A 21 2.57 -2.31 -13.06
N GLY A 22 1.96 -1.68 -14.07
CA GLY A 22 1.51 -2.36 -15.29
C GLY A 22 2.65 -2.99 -16.08
N LYS A 23 3.82 -2.32 -16.13
CA LYS A 23 5.01 -2.85 -16.80
C LYS A 23 5.59 -4.04 -16.04
N ALA A 24 5.59 -3.97 -14.70
CA ALA A 24 6.06 -5.08 -13.87
C ALA A 24 5.17 -6.34 -14.09
N ILE A 25 3.85 -6.14 -14.27
CA ILE A 25 2.87 -7.21 -14.52
C ILE A 25 3.05 -7.79 -15.93
N GLU A 26 3.02 -6.93 -16.96
CA GLU A 26 3.17 -7.29 -18.38
C GLU A 26 4.46 -8.07 -18.68
N SER A 27 5.60 -7.63 -18.11
CA SER A 27 6.90 -8.27 -18.32
C SER A 27 7.07 -9.64 -17.62
N GLY A 28 6.08 -10.03 -16.80
CA GLY A 28 6.08 -11.32 -16.11
C GLY A 28 6.71 -11.37 -14.73
N LEU A 29 7.15 -10.22 -14.19
CA LEU A 29 7.73 -10.16 -12.84
C LEU A 29 6.64 -10.35 -11.75
N VAL A 30 5.39 -9.89 -12.01
CA VAL A 30 4.30 -10.00 -11.05
C VAL A 30 3.02 -10.61 -11.68
N ASP A 31 2.40 -11.57 -11.00
CA ASP A 31 1.10 -12.08 -11.39
C ASP A 31 0.10 -11.34 -10.50
N LEU A 32 -0.75 -10.49 -11.09
CA LEU A 32 -1.73 -9.77 -10.29
C LEU A 32 -3.14 -10.21 -10.61
N ASN A 33 -3.85 -10.67 -9.60
CA ASN A 33 -5.24 -11.08 -9.72
C ASN A 33 -6.06 -10.27 -8.75
N VAL A 34 -7.15 -9.70 -9.24
CA VAL A 34 -8.07 -8.92 -8.43
C VAL A 34 -9.34 -9.75 -8.32
N HIS A 35 -9.87 -9.88 -7.11
CA HIS A 35 -11.05 -10.71 -6.90
C HIS A 35 -12.19 -9.98 -6.23
N ASP A 36 -13.38 -10.18 -6.75
CA ASP A 36 -14.58 -9.63 -6.16
C ASP A 36 -14.98 -10.60 -5.06
N LEU A 37 -14.95 -10.11 -3.82
CA LEU A 37 -15.35 -10.85 -2.61
C LEU A 37 -16.76 -11.50 -2.72
N ARG A 38 -17.69 -10.85 -3.47
CA ARG A 38 -19.08 -11.30 -3.67
C ARG A 38 -19.18 -12.66 -4.39
N ARG A 39 -18.09 -13.11 -5.02
CA ARG A 39 -18.03 -14.39 -5.68
C ARG A 39 -18.02 -15.56 -4.66
N TRP A 40 -17.76 -15.27 -3.37
CA TRP A 40 -17.76 -16.23 -2.25
C TRP A 40 -19.01 -16.09 -1.38
N THR A 41 -20.01 -15.33 -1.83
CA THR A 41 -21.28 -15.22 -1.08
C THR A 41 -22.29 -16.23 -1.69
N HIS A 42 -23.09 -16.88 -0.84
CA HIS A 42 -24.07 -17.88 -1.32
C HIS A 42 -25.52 -17.41 -1.19
N ASP A 43 -25.73 -16.18 -0.68
CA ASP A 43 -27.07 -15.61 -0.50
C ASP A 43 -27.57 -14.84 -1.74
N VAL A 44 -28.91 -14.57 -1.81
CA VAL A 44 -29.58 -13.87 -2.91
C VAL A 44 -29.12 -12.38 -3.04
N HIS A 45 -28.81 -11.70 -1.93
CA HIS A 45 -28.37 -10.30 -2.01
C HIS A 45 -26.86 -10.14 -2.09
N HIS A 46 -26.10 -11.26 -2.04
CA HIS A 46 -24.63 -11.30 -2.07
C HIS A 46 -24.02 -10.46 -0.95
N SER A 47 -24.65 -10.51 0.22
CA SER A 47 -24.27 -9.76 1.41
C SER A 47 -22.86 -10.12 1.88
N VAL A 48 -22.06 -9.11 2.24
CA VAL A 48 -20.69 -9.29 2.74
C VAL A 48 -20.57 -8.70 4.14
N ASP A 49 -21.56 -7.91 4.53
CA ASP A 49 -21.56 -7.23 5.82
C ASP A 49 -22.80 -7.54 6.64
N ASP A 50 -22.70 -7.30 7.95
CA ASP A 50 -23.77 -7.53 8.91
C ASP A 50 -23.53 -6.62 10.11
N ALA A 51 -24.58 -6.38 10.92
CA ALA A 51 -24.57 -5.49 12.09
C ALA A 51 -23.54 -5.87 13.20
N PRO A 52 -22.88 -4.88 13.83
CA PRO A 52 -21.86 -5.22 14.85
C PRO A 52 -22.38 -5.79 16.16
N TYR A 53 -21.64 -6.75 16.74
CA TYR A 53 -21.98 -7.28 18.05
C TYR A 53 -21.64 -6.17 19.06
N GLY A 54 -22.55 -5.95 20.01
CA GLY A 54 -22.38 -4.92 21.03
C GLY A 54 -22.79 -3.55 20.54
N GLY A 55 -23.39 -3.52 19.35
CA GLY A 55 -23.87 -2.30 18.71
C GLY A 55 -22.77 -1.44 18.14
N GLY A 56 -23.12 -0.21 17.82
CA GLY A 56 -22.20 0.78 17.28
C GLY A 56 -22.59 1.25 15.89
N PRO A 57 -22.01 2.36 15.41
CA PRO A 57 -22.34 2.81 14.04
C PRO A 57 -21.66 1.91 13.01
N GLY A 58 -22.23 1.87 11.81
CA GLY A 58 -21.70 1.11 10.69
C GLY A 58 -21.89 -0.39 10.77
N MET A 59 -21.33 -1.09 9.78
CA MET A 59 -21.42 -2.55 9.63
C MET A 59 -20.03 -3.20 9.69
N VAL A 60 -20.00 -4.54 9.82
N VAL A 60 -19.98 -4.54 9.82
CA VAL A 60 -18.79 -5.36 9.91
CA VAL A 60 -18.72 -5.28 9.85
C VAL A 60 -18.83 -6.41 8.79
C VAL A 60 -18.79 -6.42 8.83
N MET A 61 -17.68 -6.65 8.13
CA MET A 61 -17.58 -7.67 7.07
C MET A 61 -17.55 -9.06 7.67
N LYS A 62 -18.49 -9.88 7.21
CA LYS A 62 -18.74 -11.25 7.68
C LYS A 62 -17.50 -12.08 7.57
N ALA A 63 -17.20 -12.84 8.62
CA ALA A 63 -16.06 -13.74 8.68
C ALA A 63 -16.25 -14.96 7.76
N PRO A 64 -17.45 -15.64 7.66
CA PRO A 64 -17.55 -16.83 6.80
C PRO A 64 -17.16 -16.59 5.35
N VAL A 65 -17.59 -15.44 4.81
CA VAL A 65 -17.36 -14.98 3.43
C VAL A 65 -15.85 -14.79 3.21
N TRP A 66 -15.22 -13.99 4.06
CA TRP A 66 -13.79 -13.70 4.06
C TRP A 66 -12.96 -14.96 4.21
N GLY A 67 -13.38 -15.82 5.15
CA GLY A 67 -12.75 -17.12 5.42
C GLY A 67 -12.75 -18.06 4.23
N GLU A 68 -13.85 -18.09 3.47
CA GLU A 68 -13.99 -18.92 2.27
C GLU A 68 -13.03 -18.46 1.18
N ALA A 69 -13.00 -17.14 0.92
CA ALA A 69 -12.13 -16.52 -0.07
C ALA A 69 -10.66 -16.76 0.24
N LEU A 70 -10.25 -16.55 1.51
CA LEU A 70 -8.87 -16.74 1.98
C LEU A 70 -8.45 -18.21 1.96
N ASP A 71 -9.41 -19.14 2.22
CA ASP A 71 -9.20 -20.60 2.13
C ASP A 71 -8.79 -20.97 0.69
N GLU A 72 -9.45 -20.37 -0.30
CA GLU A 72 -9.14 -20.67 -1.70
C GLU A 72 -7.86 -20.02 -2.21
N ILE A 73 -7.57 -18.78 -1.77
CA ILE A 73 -6.46 -18.01 -2.29
C ILE A 73 -5.13 -18.21 -1.57
N CYS A 74 -5.15 -18.30 -0.24
CA CYS A 74 -3.92 -18.38 0.55
C CYS A 74 -3.37 -19.78 0.74
N SER A 75 -2.10 -19.84 1.13
CA SER A 75 -1.35 -21.03 1.48
C SER A 75 -0.57 -20.70 2.77
N SER A 76 0.22 -21.64 3.27
CA SER A 76 1.06 -21.42 4.45
C SER A 76 2.22 -20.45 4.15
N GLU A 77 2.52 -20.24 2.87
CA GLU A 77 3.60 -19.37 2.42
C GLU A 77 3.14 -17.92 2.21
N THR A 78 1.82 -17.72 2.12
CA THR A 78 1.19 -16.43 1.92
C THR A 78 1.47 -15.47 3.06
N LEU A 79 1.76 -14.20 2.72
CA LEU A 79 1.81 -13.14 3.68
C LEU A 79 0.45 -12.45 3.51
N LEU A 80 -0.47 -12.61 4.48
CA LEU A 80 -1.77 -11.97 4.40
C LEU A 80 -1.69 -10.56 4.99
N ILE A 81 -2.03 -9.55 4.16
CA ILE A 81 -2.02 -8.12 4.50
C ILE A 81 -3.42 -7.60 4.61
N VAL A 82 -3.73 -7.05 5.77
CA VAL A 82 -5.04 -6.47 5.98
C VAL A 82 -4.86 -4.97 6.18
N PRO A 83 -5.20 -4.16 5.15
CA PRO A 83 -5.09 -2.71 5.30
C PRO A 83 -6.15 -2.26 6.31
N THR A 84 -5.74 -1.47 7.32
CA THR A 84 -6.65 -0.97 8.36
C THR A 84 -6.08 0.24 9.10
N PRO A 85 -6.93 1.23 9.56
CA PRO A 85 -6.42 2.32 10.41
C PRO A 85 -5.98 1.86 11.82
N ALA A 86 -6.19 0.57 12.14
CA ALA A 86 -5.80 -0.04 13.41
C ALA A 86 -4.41 -0.72 13.31
N GLY A 87 -3.79 -0.69 12.15
CA GLY A 87 -2.52 -1.36 11.93
C GLY A 87 -1.26 -0.59 12.21
N VAL A 88 -0.12 -1.26 12.01
CA VAL A 88 1.21 -0.67 12.15
C VAL A 88 1.41 0.20 10.91
N LEU A 89 2.25 1.22 11.00
CA LEU A 89 2.49 2.07 9.84
C LEU A 89 3.30 1.40 8.77
N PHE A 90 2.86 1.54 7.53
CA PHE A 90 3.56 1.05 6.34
C PHE A 90 4.69 2.04 6.12
N THR A 91 5.93 1.57 5.86
CA THR A 91 7.10 2.44 5.60
C THR A 91 7.91 1.86 4.43
N GLN A 92 8.95 2.57 3.94
CA GLN A 92 9.82 2.04 2.87
C GLN A 92 10.48 0.71 3.28
N ALA A 93 10.89 0.57 4.58
CA ALA A 93 11.48 -0.66 5.14
C ALA A 93 10.49 -1.82 4.99
N THR A 94 9.18 -1.58 5.21
CA THR A 94 8.14 -2.59 5.01
C THR A 94 8.07 -2.94 3.51
N ALA A 95 8.10 -1.92 2.60
CA ALA A 95 8.04 -2.16 1.14
C ALA A 95 9.19 -3.03 0.69
N GLN A 96 10.41 -2.74 1.19
CA GLN A 96 11.65 -3.46 0.94
C GLN A 96 11.58 -4.94 1.37
N ARG A 97 11.05 -5.19 2.57
CA ARG A 97 10.91 -6.52 3.14
C ARG A 97 9.89 -7.34 2.34
N TRP A 98 8.82 -6.70 1.84
CA TRP A 98 7.77 -7.38 1.08
C TRP A 98 8.23 -7.82 -0.33
N THR A 99 9.30 -7.23 -0.89
CA THR A 99 9.89 -7.63 -2.19
C THR A 99 10.50 -9.06 -2.13
N THR A 100 10.71 -9.61 -0.91
CA THR A 100 11.27 -10.96 -0.65
C THR A 100 10.14 -12.00 -0.54
N GLU A 101 8.88 -11.56 -0.56
CA GLU A 101 7.72 -12.45 -0.48
C GLU A 101 7.37 -13.06 -1.84
N SER A 102 6.94 -14.32 -1.83
CA SER A 102 6.51 -15.04 -3.03
C SER A 102 5.03 -14.75 -3.32
N HIS A 103 4.20 -14.59 -2.27
CA HIS A 103 2.75 -14.40 -2.44
C HIS A 103 2.14 -13.41 -1.46
N LEU A 104 1.72 -12.23 -1.96
CA LEU A 104 1.07 -11.21 -1.12
C LEU A 104 -0.44 -11.28 -1.35
N VAL A 105 -1.22 -11.22 -0.28
CA VAL A 105 -2.68 -11.23 -0.35
C VAL A 105 -3.16 -10.04 0.40
N PHE A 106 -3.88 -9.14 -0.29
CA PHE A 106 -4.42 -7.95 0.34
C PHE A 106 -5.92 -8.13 0.56
N ALA A 107 -6.34 -8.12 1.81
CA ALA A 107 -7.77 -8.26 2.12
C ALA A 107 -8.30 -6.83 2.36
N CYS A 108 -8.88 -6.24 1.32
CA CYS A 108 -9.41 -4.88 1.41
C CYS A 108 -10.80 -4.88 2.05
N GLY A 109 -10.89 -4.16 3.16
CA GLY A 109 -12.11 -3.99 3.93
C GLY A 109 -12.89 -2.73 3.56
N ARG A 110 -14.18 -2.77 3.83
CA ARG A 110 -15.13 -1.69 3.65
C ARG A 110 -15.98 -1.64 4.92
N TYR A 111 -16.93 -0.68 5.02
CA TYR A 111 -17.77 -0.45 6.20
C TYR A 111 -16.87 -0.13 7.42
N GLU A 112 -17.11 -0.72 8.62
CA GLU A 112 -16.24 -0.40 9.77
C GLU A 112 -15.05 -1.37 9.89
N GLY A 113 -14.93 -2.27 8.91
CA GLY A 113 -13.87 -3.25 8.86
C GLY A 113 -14.34 -4.68 8.74
N ILE A 114 -13.38 -5.61 8.89
CA ILE A 114 -13.54 -7.06 8.80
C ILE A 114 -13.62 -7.64 10.19
N ASP A 115 -14.46 -8.68 10.38
CA ASP A 115 -14.56 -9.39 11.67
C ASP A 115 -13.14 -9.78 12.10
N GLN A 116 -12.73 -9.41 13.34
CA GLN A 116 -11.40 -9.71 13.90
C GLN A 116 -10.98 -11.19 13.79
N ARG A 117 -11.96 -12.11 13.81
CA ARG A 117 -11.68 -13.55 13.80
C ARG A 117 -11.15 -14.06 12.50
N VAL A 118 -11.33 -13.32 11.40
CA VAL A 118 -10.80 -13.66 10.07
C VAL A 118 -9.28 -13.69 10.16
N VAL A 119 -8.71 -12.70 10.86
CA VAL A 119 -7.29 -12.50 11.11
C VAL A 119 -6.75 -13.53 12.10
N GLN A 120 -7.49 -13.80 13.22
CA GLN A 120 -7.09 -14.79 14.21
C GLN A 120 -7.01 -16.17 13.54
N ASP A 121 -8.05 -16.54 12.73
CA ASP A 121 -8.11 -17.81 12.00
C ASP A 121 -7.00 -17.89 10.94
N ALA A 122 -6.83 -16.85 10.11
CA ALA A 122 -5.79 -16.86 9.08
C ALA A 122 -4.41 -17.09 9.67
N ALA A 123 -4.11 -16.46 10.83
CA ALA A 123 -2.86 -16.56 11.58
C ALA A 123 -2.52 -17.99 12.09
N ARG A 124 -3.50 -18.91 12.06
CA ARG A 124 -3.32 -20.32 12.43
C ARG A 124 -2.48 -21.09 11.39
N ARG A 125 -2.46 -20.63 10.11
N ARG A 125 -2.46 -20.63 10.10
CA ARG A 125 -1.71 -21.30 9.04
CA ARG A 125 -1.72 -21.31 9.04
C ARG A 125 -0.76 -20.38 8.24
C ARG A 125 -0.77 -20.38 8.23
N MET A 126 -0.92 -19.04 8.33
CA MET A 126 -0.08 -18.07 7.60
C MET A 126 0.34 -16.83 8.43
N ARG A 127 1.35 -16.10 7.94
CA ARG A 127 1.80 -14.85 8.57
C ARG A 127 0.80 -13.74 8.14
N VAL A 128 0.32 -12.98 9.12
CA VAL A 128 -0.69 -11.93 8.90
C VAL A 128 -0.18 -10.58 9.40
N GLU A 129 -0.37 -9.51 8.59
CA GLU A 129 0.01 -8.15 8.98
C GLU A 129 -1.15 -7.20 8.80
N GLU A 130 -1.45 -6.43 9.85
CA GLU A 130 -2.49 -5.40 9.87
C GLU A 130 -1.70 -4.12 9.68
N VAL A 131 -1.94 -3.45 8.54
CA VAL A 131 -1.11 -2.32 8.13
C VAL A 131 -1.92 -1.09 7.75
N SER A 132 -1.49 0.07 8.24
CA SER A 132 -2.04 1.40 7.96
C SER A 132 -1.03 2.13 7.12
N ILE A 133 -1.51 2.97 6.18
CA ILE A 133 -0.62 3.78 5.31
C ILE A 133 -0.36 5.19 5.90
N GLY A 134 -1.15 5.57 6.91
CA GLY A 134 -0.99 6.88 7.54
C GLY A 134 -2.15 7.27 8.42
N ASP A 135 -1.97 8.35 9.16
CA ASP A 135 -2.92 8.86 10.15
C ASP A 135 -4.09 9.67 9.55
N TYR A 136 -4.90 9.01 8.73
CA TYR A 136 -6.07 9.60 8.09
C TYR A 136 -7.08 8.51 7.82
N VAL A 137 -8.38 8.84 7.74
CA VAL A 137 -9.45 7.87 7.53
C VAL A 137 -9.87 7.83 6.05
N LEU A 138 -9.76 6.63 5.45
CA LEU A 138 -10.15 6.39 4.07
C LEU A 138 -11.51 5.67 4.01
N PRO A 139 -12.29 5.71 2.91
CA PRO A 139 -13.55 4.96 2.90
C PRO A 139 -13.36 3.43 2.78
N GLY A 140 -12.19 3.00 2.37
CA GLY A 140 -11.85 1.59 2.21
C GLY A 140 -10.35 1.39 2.03
N GLY A 141 -9.93 0.11 2.03
CA GLY A 141 -8.54 -0.29 1.90
C GLY A 141 -7.92 -0.41 0.52
N GLU A 142 -8.73 -0.23 -0.58
CA GLU A 142 -8.26 -0.38 -1.97
C GLU A 142 -7.20 0.62 -2.37
N SER A 143 -7.41 1.92 -2.04
CA SER A 143 -6.45 2.98 -2.38
C SER A 143 -5.14 2.81 -1.58
N ALA A 144 -5.25 2.26 -0.34
CA ALA A 144 -4.08 1.97 0.51
C ALA A 144 -3.32 0.77 -0.10
N ALA A 145 -4.05 -0.26 -0.61
CA ALA A 145 -3.42 -1.39 -1.29
C ALA A 145 -2.72 -0.93 -2.59
N VAL A 146 -3.28 0.05 -3.35
CA VAL A 146 -2.61 0.57 -4.57
C VAL A 146 -1.24 1.17 -4.14
N VAL A 147 -1.24 2.03 -3.11
CA VAL A 147 -0.07 2.68 -2.51
C VAL A 147 0.98 1.64 -2.14
N MET A 148 0.56 0.64 -1.33
CA MET A 148 1.48 -0.42 -0.87
C MET A 148 2.02 -1.27 -2.00
N VAL A 149 1.17 -1.62 -2.99
CA VAL A 149 1.58 -2.40 -4.17
C VAL A 149 2.55 -1.61 -5.05
N GLU A 150 2.25 -0.32 -5.31
CA GLU A 150 3.12 0.53 -6.12
C GLU A 150 4.51 0.65 -5.53
N ALA A 151 4.62 0.85 -4.18
CA ALA A 151 5.89 0.96 -3.44
C ALA A 151 6.71 -0.32 -3.60
N VAL A 152 6.06 -1.48 -3.46
CA VAL A 152 6.72 -2.76 -3.61
C VAL A 152 7.18 -2.98 -5.07
N LEU A 153 6.25 -2.76 -6.05
CA LEU A 153 6.52 -2.97 -7.48
C LEU A 153 7.61 -2.08 -8.04
N ARG A 154 7.68 -0.81 -7.60
CA ARG A 154 8.73 0.11 -8.03
C ARG A 154 10.12 -0.40 -7.59
N LEU A 155 10.21 -1.06 -6.43
CA LEU A 155 11.47 -1.66 -5.97
C LEU A 155 11.76 -2.92 -6.74
N LEU A 156 10.70 -3.68 -7.09
CA LEU A 156 10.85 -4.92 -7.88
C LEU A 156 11.35 -4.67 -9.30
N ALA A 157 10.75 -3.67 -9.98
CA ALA A 157 11.06 -3.31 -11.37
C ALA A 157 12.46 -2.71 -11.57
N GLY A 158 13.11 -2.31 -10.46
CA GLY A 158 14.44 -1.70 -10.45
C GLY A 158 15.53 -2.63 -10.98
N LEU A 178 16.78 11.57 5.36
CA LEU A 178 16.50 12.99 5.16
C LEU A 178 15.60 13.24 3.97
N LEU A 179 14.77 14.29 4.06
CA LEU A 179 13.83 14.70 3.00
C LEU A 179 14.57 15.15 1.76
N GLU A 180 13.99 14.87 0.59
CA GLU A 180 14.52 15.23 -0.71
C GLU A 180 14.63 16.74 -0.84
N GLY A 181 15.74 17.21 -1.38
CA GLY A 181 15.96 18.64 -1.56
C GLY A 181 15.30 19.17 -2.80
N PRO A 182 15.42 20.48 -3.09
CA PRO A 182 14.81 21.02 -4.32
C PRO A 182 15.55 20.59 -5.57
N SER A 183 14.82 20.38 -6.68
CA SER A 183 15.37 20.03 -7.99
C SER A 183 14.98 21.09 -9.02
N TYR A 184 15.84 21.28 -10.02
CA TYR A 184 15.66 22.29 -11.03
C TYR A 184 16.12 21.75 -12.36
N THR A 185 15.55 22.28 -13.46
CA THR A 185 15.93 21.97 -14.84
C THR A 185 15.85 23.24 -15.66
N ARG A 186 16.10 23.17 -16.98
CA ARG A 186 16.04 24.33 -17.88
C ARG A 186 14.67 25.01 -17.84
N PRO A 187 14.58 26.36 -17.94
CA PRO A 187 15.67 27.33 -18.14
C PRO A 187 16.42 27.74 -16.87
N ALA A 188 17.62 28.34 -17.03
CA ALA A 188 18.46 28.82 -15.92
C ALA A 188 17.72 29.86 -15.08
N SER A 189 16.90 30.69 -15.75
CA SER A 189 16.10 31.76 -15.18
C SER A 189 14.67 31.65 -15.69
N TRP A 190 13.70 31.60 -14.77
CA TRP A 190 12.27 31.46 -15.14
C TRP A 190 11.43 32.33 -14.23
N ARG A 191 10.67 33.28 -14.82
CA ARG A 191 9.79 34.24 -14.12
C ARG A 191 10.53 35.02 -13.02
N GLY A 192 11.79 35.37 -13.29
CA GLY A 192 12.63 36.11 -12.35
C GLY A 192 13.22 35.25 -11.25
N LEU A 193 13.10 33.92 -11.38
CA LEU A 193 13.59 32.92 -10.42
C LEU A 193 14.78 32.17 -11.01
N ASP A 194 15.94 32.31 -10.37
CA ASP A 194 17.17 31.71 -10.83
C ASP A 194 17.47 30.40 -10.16
N VAL A 195 17.95 29.44 -10.95
CA VAL A 195 18.42 28.15 -10.45
C VAL A 195 19.62 28.50 -9.53
N PRO A 196 19.71 27.98 -8.29
CA PRO A 196 20.89 28.27 -7.45
C PRO A 196 22.19 28.11 -8.22
N GLU A 197 23.06 29.14 -8.19
CA GLU A 197 24.35 29.19 -8.92
C GLU A 197 25.21 27.96 -8.73
N VAL A 198 25.23 27.41 -7.49
CA VAL A 198 25.96 26.18 -7.12
C VAL A 198 25.70 25.02 -8.12
N LEU A 199 24.45 24.85 -8.59
CA LEU A 199 24.05 23.80 -9.54
C LEU A 199 24.65 23.97 -10.93
N LEU A 200 25.14 25.20 -11.22
CA LEU A 200 25.79 25.60 -12.47
C LEU A 200 27.32 25.73 -12.32
N SER A 201 27.87 25.38 -11.13
CA SER A 201 29.30 25.50 -10.82
C SER A 201 30.23 24.47 -11.49
N GLY A 202 29.69 23.29 -11.79
CA GLY A 202 30.47 22.19 -12.36
C GLY A 202 31.34 21.47 -11.34
N ASP A 203 31.09 21.72 -10.04
CA ASP A 203 31.84 21.17 -8.90
C ASP A 203 30.95 20.17 -8.15
N HIS A 204 31.15 18.87 -8.43
CA HIS A 204 30.41 17.74 -7.84
C HIS A 204 30.34 17.80 -6.33
N ALA A 205 31.49 18.02 -5.67
CA ALA A 205 31.64 18.06 -4.21
C ALA A 205 30.89 19.21 -3.58
N ARG A 206 30.92 20.42 -4.20
CA ARG A 206 30.19 21.60 -3.73
C ARG A 206 28.66 21.36 -3.86
N ILE A 207 28.25 20.70 -4.96
CA ILE A 207 26.85 20.35 -5.23
C ILE A 207 26.32 19.36 -4.19
N ALA A 208 27.08 18.26 -3.94
CA ALA A 208 26.70 17.22 -2.98
C ALA A 208 26.55 17.77 -1.56
N ALA A 209 27.47 18.69 -1.17
CA ALA A 209 27.48 19.37 0.13
C ALA A 209 26.30 20.31 0.25
N TRP A 210 25.96 21.05 -0.84
CA TRP A 210 24.82 21.97 -0.85
C TRP A 210 23.51 21.20 -0.78
N ARG A 211 23.39 20.08 -1.56
CA ARG A 211 22.20 19.22 -1.60
C ARG A 211 21.94 18.60 -0.25
N ARG A 212 23.00 18.17 0.47
CA ARG A 212 22.94 17.62 1.81
C ARG A 212 22.44 18.67 2.80
N GLU A 213 22.98 19.91 2.73
CA GLU A 213 22.60 21.03 3.60
C GLU A 213 21.14 21.43 3.42
N VAL A 214 20.68 21.61 2.15
CA VAL A 214 19.28 21.99 1.87
C VAL A 214 18.32 20.87 2.26
N SER A 215 18.72 19.60 2.04
CA SER A 215 17.95 18.43 2.41
C SER A 215 17.79 18.38 3.95
N LEU A 216 18.85 18.72 4.67
CA LEU A 216 18.91 18.76 6.13
C LEU A 216 18.07 19.90 6.70
N GLN A 217 18.09 21.08 6.05
CA GLN A 217 17.32 22.24 6.50
C GLN A 217 15.83 21.97 6.33
N ARG A 218 15.43 21.41 5.17
CA ARG A 218 14.05 20.99 4.87
C ARG A 218 13.56 19.95 5.90
N THR A 219 14.42 18.97 6.26
CA THR A 219 14.08 17.92 7.24
C THR A 219 13.87 18.52 8.63
N ARG A 220 14.72 19.45 9.04
CA ARG A 220 14.60 20.11 10.35
C ARG A 220 13.27 20.90 10.45
N GLU A 221 12.90 21.57 9.36
CA GLU A 221 11.69 22.39 9.23
C GLU A 221 10.40 21.62 9.09
N ARG A 222 10.37 20.59 8.22
CA ARG A 222 9.18 19.83 7.87
C ARG A 222 8.98 18.51 8.59
N ARG A 223 10.07 17.81 8.96
CA ARG A 223 10.00 16.49 9.63
C ARG A 223 11.08 16.37 10.73
N PRO A 224 11.03 17.18 11.82
CA PRO A 224 12.11 17.08 12.84
C PRO A 224 12.28 15.69 13.48
N ASP A 225 11.24 14.86 13.45
CA ASP A 225 11.24 13.48 13.95
C ASP A 225 12.27 12.60 13.21
N LEU A 226 12.64 13.01 11.97
CA LEU A 226 13.62 12.36 11.08
C LEU A 226 15.01 13.02 11.23
N SER A 227 15.05 14.26 11.79
CA SER A 227 16.24 15.10 12.03
C SER A 227 17.11 15.33 10.81
#